data_5JZ9
#
_entry.id   5JZ9
#
_cell.length_a   81.730
_cell.length_b   82.318
_cell.length_c   193.584
_cell.angle_alpha   90.000
_cell.angle_beta   90.000
_cell.angle_gamma   90.000
#
_symmetry.space_group_name_H-M   'I 21 21 21'
#
loop_
_entity.id
_entity.type
_entity.pdbx_description
1 polymer '4,5:9,10-diseco-3-hydroxy-5,9,17-trioxoandrosta-1(10),2-diene-4-oate hydrolase'
2 non-polymer '3,5-dichloro-4-hydroxybenzene-1-sulfonic acid'
3 water water
#
_entity_poly.entity_id   1
_entity_poly.type   'polypeptide(L)'
_entity_poly.pdbx_seq_one_letter_code
;LTFESTSRFAEVDVDGPLKLHYHEAGVGNDQTVVLLHGGGPGAASWTNFSRNIAVLARHFHVLAVDQPGYGHSDKRAEHG
QFNRYAAMALKGLFDQLGLGRVPLVGNSLGGGTAVRFALDYPARAGRLVLMGPGGLSINLFAPDPTEGVKRLSKFSVAPT
RENLEAFLRVMVYDKNLITPELVDQRFALASTPESLTATRAMGKSFAGADFEAGMMWREVYRLRQPVLLIWGREDRVNPL
DGALVALKTIPRAQLHVFGQCGHWVQVEKFDEFNKLTIEFLGGG
;
_entity_poly.pdbx_strand_id   A,B
#
loop_
_chem_comp.id
_chem_comp.type
_chem_comp.name
_chem_comp.formula
6OR non-polymer '3,5-dichloro-4-hydroxybenzene-1-sulfonic acid' 'C6 H4 Cl2 O4 S'
#
# COMPACT_ATOMS: atom_id res chain seq x y z
N LEU A 1 8.48 -38.46 -2.25
CA LEU A 1 7.29 -37.77 -1.73
C LEU A 1 6.48 -37.14 -2.85
N THR A 2 5.25 -37.59 -2.99
CA THR A 2 4.35 -37.06 -4.02
C THR A 2 2.99 -36.72 -3.40
N PHE A 3 2.18 -35.99 -4.15
CA PHE A 3 0.84 -35.64 -3.71
C PHE A 3 0.06 -36.90 -3.38
N GLU A 4 0.21 -37.91 -4.24
CA GLU A 4 -0.53 -39.17 -4.09
C GLU A 4 -0.07 -40.00 -2.89
N SER A 5 1.25 -40.08 -2.70
CA SER A 5 1.81 -40.92 -1.64
C SER A 5 1.51 -40.37 -0.24
N THR A 6 1.45 -39.04 -0.14
CA THR A 6 1.23 -38.38 1.14
C THR A 6 -0.25 -38.11 1.43
N SER A 7 -1.10 -38.28 0.42
CA SER A 7 -2.53 -37.94 0.55
C SER A 7 -3.22 -38.76 1.65
N ARG A 8 -4.04 -38.08 2.44
CA ARG A 8 -4.80 -38.71 3.52
C ARG A 8 -6.14 -38.00 3.65
N PHE A 9 -7.11 -38.68 4.24
CA PHE A 9 -8.42 -38.09 4.52
C PHE A 9 -8.84 -38.37 5.94
N ALA A 10 -9.66 -37.49 6.49
CA ALA A 10 -10.28 -37.70 7.79
C ALA A 10 -11.64 -37.02 7.78
N GLU A 11 -12.58 -37.55 8.56
CA GLU A 11 -13.88 -36.91 8.72
C GLU A 11 -14.06 -36.50 10.17
N VAL A 12 -14.37 -35.22 10.38
CA VAL A 12 -14.54 -34.68 11.72
C VAL A 12 -15.91 -34.01 11.82
N ASP A 13 -16.28 -33.59 13.03
CA ASP A 13 -17.59 -32.98 13.27
C ASP A 13 -17.50 -31.49 13.58
N VAL A 14 -17.95 -30.68 12.62
CA VAL A 14 -18.13 -29.26 12.82
C VAL A 14 -19.54 -28.92 12.37
N ASP A 15 -20.48 -28.96 13.30
CA ASP A 15 -21.91 -28.89 12.99
C ASP A 15 -22.27 -29.94 11.95
N GLY A 16 -21.74 -31.15 12.14
CA GLY A 16 -21.98 -32.25 11.24
C GLY A 16 -20.71 -32.76 10.60
N PRO A 17 -20.79 -33.90 9.89
CA PRO A 17 -19.61 -34.50 9.25
C PRO A 17 -18.89 -33.49 8.36
N LEU A 18 -17.56 -33.48 8.44
CA LEU A 18 -16.75 -32.59 7.63
C LEU A 18 -15.49 -33.29 7.16
N LYS A 19 -15.34 -33.44 5.85
CA LYS A 19 -14.18 -34.11 5.29
C LYS A 19 -12.97 -33.18 5.24
N LEU A 20 -11.88 -33.63 5.85
CA LEU A 20 -10.61 -32.90 5.80
C LEU A 20 -9.61 -33.72 5.02
N HIS A 21 -8.98 -33.08 4.04
CA HIS A 21 -7.88 -33.67 3.30
C HIS A 21 -6.57 -33.13 3.85
N TYR A 22 -5.57 -33.98 3.95
CA TYR A 22 -4.25 -33.52 4.35
C TYR A 22 -3.15 -34.37 3.76
N HIS A 23 -1.91 -33.91 3.94
CA HIS A 23 -0.74 -34.66 3.54
C HIS A 23 0.10 -35.00 4.77
N GLU A 24 0.58 -36.23 4.83
CA GLU A 24 1.37 -36.72 5.94
C GLU A 24 2.73 -37.23 5.47
N ALA A 25 3.79 -36.79 6.14
CA ALA A 25 5.14 -37.27 5.85
C ALA A 25 5.99 -37.29 7.11
N GLY A 26 7.17 -37.90 7.02
CA GLY A 26 8.05 -38.02 8.18
C GLY A 26 7.38 -38.78 9.30
N VAL A 27 6.60 -39.79 8.94
CA VAL A 27 5.75 -40.53 9.88
C VAL A 27 6.51 -41.03 11.10
N GLY A 28 7.74 -41.47 10.90
CA GLY A 28 8.56 -42.00 11.97
C GLY A 28 9.14 -40.99 12.96
N ASN A 29 9.00 -39.70 12.67
CA ASN A 29 9.70 -38.67 13.47
C ASN A 29 8.99 -38.26 14.76
N ASP A 30 9.79 -37.78 15.71
CA ASP A 30 9.35 -37.59 17.08
C ASP A 30 8.39 -36.41 17.26
N GLN A 31 8.69 -35.30 16.60
CA GLN A 31 7.93 -34.07 16.81
C GLN A 31 6.98 -33.78 15.64
N THR A 32 5.72 -33.63 15.98
CA THR A 32 4.68 -33.36 14.99
C THR A 32 4.58 -31.86 14.69
N VAL A 33 4.42 -31.49 13.43
CA VAL A 33 4.22 -30.09 13.04
C VAL A 33 3.10 -29.97 12.02
N VAL A 34 2.18 -29.05 12.26
CA VAL A 34 1.05 -28.83 11.36
C VAL A 34 1.25 -27.58 10.51
N LEU A 35 1.06 -27.73 9.21
CA LEU A 35 1.17 -26.62 8.27
C LEU A 35 -0.22 -26.18 7.82
N LEU A 36 -0.45 -24.85 7.81
CA LEU A 36 -1.73 -24.29 7.39
C LEU A 36 -1.52 -23.26 6.26
N HIS A 37 -2.02 -23.61 5.08
CA HIS A 37 -1.73 -22.86 3.85
C HIS A 37 -2.46 -21.52 3.71
N GLY A 38 -2.11 -20.79 2.64
CA GLY A 38 -2.71 -19.51 2.32
C GLY A 38 -4.10 -19.59 1.74
N GLY A 39 -4.75 -18.42 1.67
CA GLY A 39 -6.16 -18.31 1.30
C GLY A 39 -6.48 -17.89 -0.13
N GLY A 40 -5.48 -17.88 -1.01
CA GLY A 40 -5.70 -17.48 -2.39
C GLY A 40 -6.60 -18.44 -3.15
N PRO A 41 -7.09 -18.03 -4.33
CA PRO A 41 -7.96 -18.93 -5.10
C PRO A 41 -7.17 -20.11 -5.65
N GLY A 42 -7.67 -21.33 -5.46
CA GLY A 42 -6.98 -22.51 -5.95
C GLY A 42 -5.90 -22.97 -5.00
N ALA A 43 -5.80 -22.31 -3.85
CA ALA A 43 -4.77 -22.65 -2.88
C ALA A 43 -5.04 -23.98 -2.22
N ALA A 44 -3.97 -24.72 -1.95
CA ALA A 44 -4.06 -25.97 -1.19
C ALA A 44 -2.69 -26.26 -0.58
N SER A 45 -2.64 -27.24 0.31
CA SER A 45 -1.43 -27.52 1.06
C SER A 45 -0.24 -27.84 0.17
N TRP A 46 -0.44 -28.73 -0.80
CA TRP A 46 0.67 -29.26 -1.57
C TRP A 46 1.42 -28.20 -2.39
N THR A 47 0.66 -27.38 -3.12
CA THR A 47 1.27 -26.36 -3.97
C THR A 47 1.84 -25.22 -3.13
N ASN A 48 1.17 -24.94 -2.02
CA ASN A 48 1.59 -23.90 -1.10
C ASN A 48 2.93 -24.21 -0.43
N PHE A 49 3.16 -25.50 -0.14
CA PHE A 49 4.32 -25.90 0.66
C PHE A 49 5.23 -26.87 -0.09
N SER A 50 5.18 -26.84 -1.41
CA SER A 50 5.97 -27.74 -2.26
C SER A 50 7.47 -27.61 -1.99
N ARG A 51 7.91 -26.40 -1.67
CA ARG A 51 9.32 -26.13 -1.44
C ARG A 51 9.77 -26.41 0.00
N ASN A 52 8.85 -26.87 0.85
CA ASN A 52 9.12 -26.98 2.29
C ASN A 52 8.86 -28.37 2.89
N ILE A 53 7.80 -29.03 2.43
CA ILE A 53 7.36 -30.30 3.02
C ILE A 53 8.44 -31.36 2.98
N ALA A 54 9.12 -31.48 1.84
CA ALA A 54 10.17 -32.48 1.69
C ALA A 54 11.28 -32.24 2.71
N VAL A 55 11.70 -30.98 2.85
CA VAL A 55 12.76 -30.61 3.76
C VAL A 55 12.35 -30.78 5.23
N LEU A 56 11.15 -30.32 5.58
CA LEU A 56 10.68 -30.40 6.96
C LEU A 56 10.50 -31.85 7.43
N ALA A 57 10.19 -32.75 6.50
CA ALA A 57 9.95 -34.14 6.83
C ALA A 57 11.22 -34.82 7.34
N ARG A 58 12.38 -34.28 6.97
CA ARG A 58 13.65 -34.83 7.41
C ARG A 58 13.83 -34.68 8.93
N HIS A 59 13.14 -33.69 9.51
CA HIS A 59 13.28 -33.38 10.92
C HIS A 59 12.01 -33.58 11.73
N PHE A 60 10.85 -33.50 11.07
CA PHE A 60 9.58 -33.50 11.79
C PHE A 60 8.56 -34.44 11.17
N HIS A 61 7.56 -34.80 11.96
CA HIS A 61 6.38 -35.48 11.46
C HIS A 61 5.41 -34.41 10.99
N VAL A 62 5.29 -34.27 9.68
CA VAL A 62 4.58 -33.14 9.09
C VAL A 62 3.13 -33.48 8.74
N LEU A 63 2.23 -32.59 9.12
CA LEU A 63 0.82 -32.66 8.71
C LEU A 63 0.38 -31.37 8.04
N ALA A 64 0.23 -31.42 6.71
CA ALA A 64 -0.19 -30.26 5.93
C ALA A 64 -1.67 -30.36 5.56
N VAL A 65 -2.50 -29.54 6.20
CA VAL A 65 -3.95 -29.68 6.12
C VAL A 65 -4.60 -28.73 5.12
N ASP A 66 -5.38 -29.28 4.21
CA ASP A 66 -6.28 -28.46 3.38
C ASP A 66 -7.37 -27.94 4.30
N GLN A 67 -7.44 -26.62 4.48
CA GLN A 67 -8.47 -26.02 5.32
C GLN A 67 -9.81 -26.14 4.59
N PRO A 68 -10.91 -26.24 5.35
CA PRO A 68 -12.22 -26.37 4.72
C PRO A 68 -12.48 -25.24 3.72
N GLY A 69 -12.97 -25.57 2.53
CA GLY A 69 -13.16 -24.59 1.48
C GLY A 69 -12.01 -24.58 0.49
N TYR A 70 -10.99 -25.38 0.76
CA TYR A 70 -9.78 -25.41 -0.06
C TYR A 70 -9.33 -26.84 -0.34
N GLY A 71 -8.55 -27.03 -1.39
CA GLY A 71 -7.98 -28.32 -1.70
C GLY A 71 -9.03 -29.37 -1.94
N HIS A 72 -8.92 -30.49 -1.23
CA HIS A 72 -9.87 -31.60 -1.34
C HIS A 72 -10.70 -31.74 -0.07
N SER A 73 -10.66 -30.70 0.77
CA SER A 73 -11.49 -30.65 1.95
C SER A 73 -12.89 -30.21 1.53
N ASP A 74 -13.89 -30.48 2.37
CA ASP A 74 -15.27 -30.11 2.06
C ASP A 74 -15.39 -28.62 1.75
N LYS A 75 -16.17 -28.30 0.73
CA LYS A 75 -16.41 -26.92 0.35
C LYS A 75 -17.88 -26.57 0.54
N ARG A 76 -18.25 -26.33 1.79
CA ARG A 76 -19.62 -26.02 2.17
C ARG A 76 -20.07 -24.66 1.66
N ALA A 77 -21.36 -24.56 1.39
CA ALA A 77 -21.99 -23.31 0.96
C ALA A 77 -22.12 -22.30 2.11
N GLU A 78 -22.21 -22.81 3.33
CA GLU A 78 -22.44 -21.97 4.50
C GLU A 78 -21.44 -22.28 5.62
N HIS A 79 -20.89 -21.23 6.24
CA HIS A 79 -20.09 -21.38 7.44
C HIS A 79 -19.94 -20.03 8.17
N GLY A 80 -19.52 -20.09 9.43
CA GLY A 80 -19.30 -18.89 10.24
C GLY A 80 -17.95 -18.25 9.94
N GLN A 81 -17.47 -17.42 10.88
CA GLN A 81 -16.18 -16.74 10.72
C GLN A 81 -15.13 -17.80 10.41
N PHE A 82 -14.34 -17.58 9.37
CA PHE A 82 -13.59 -18.67 8.77
C PHE A 82 -12.52 -19.26 9.70
N ASN A 83 -11.77 -18.40 10.36
CA ASN A 83 -10.65 -18.88 11.18
C ASN A 83 -11.13 -19.72 12.35
N ARG A 84 -12.24 -19.32 12.97
CA ARG A 84 -12.81 -20.10 14.05
C ARG A 84 -13.37 -21.41 13.49
N TYR A 85 -14.01 -21.31 12.32
CA TYR A 85 -14.55 -22.47 11.62
C TYR A 85 -13.47 -23.50 11.28
N ALA A 86 -12.38 -23.04 10.67
CA ALA A 86 -11.28 -23.92 10.30
C ALA A 86 -10.55 -24.47 11.53
N ALA A 87 -10.49 -23.67 12.60
CA ALA A 87 -9.84 -24.10 13.83
C ALA A 87 -10.61 -25.27 14.45
N MET A 88 -11.93 -25.17 14.42
CA MET A 88 -12.79 -26.24 14.94
C MET A 88 -12.54 -27.53 14.18
N ALA A 89 -12.35 -27.40 12.86
CA ALA A 89 -12.02 -28.55 12.03
C ALA A 89 -10.69 -29.14 12.46
N LEU A 90 -9.72 -28.27 12.72
CA LEU A 90 -8.38 -28.70 13.07
C LEU A 90 -8.37 -29.34 14.46
N LYS A 91 -9.19 -28.82 15.38
CA LYS A 91 -9.31 -29.41 16.71
C LYS A 91 -9.82 -30.85 16.63
N GLY A 92 -10.79 -31.08 15.76
CA GLY A 92 -11.34 -32.41 15.56
C GLY A 92 -10.28 -33.36 15.03
N LEU A 93 -9.45 -32.86 14.10
CA LEU A 93 -8.41 -33.67 13.50
C LEU A 93 -7.34 -34.02 14.53
N PHE A 94 -7.05 -33.07 15.42
CA PHE A 94 -6.08 -33.29 16.49
C PHE A 94 -6.51 -34.49 17.34
N ASP A 95 -7.77 -34.49 17.74
CA ASP A 95 -8.31 -35.53 18.61
C ASP A 95 -8.32 -36.89 17.91
N GLN A 96 -8.66 -36.90 16.63
CA GLN A 96 -8.70 -38.14 15.85
C GLN A 96 -7.31 -38.76 15.72
N LEU A 97 -6.34 -37.93 15.36
CA LEU A 97 -4.97 -38.38 15.18
C LEU A 97 -4.24 -38.51 16.51
N GLY A 98 -4.93 -38.15 17.61
CA GLY A 98 -4.39 -38.29 18.94
C GLY A 98 -3.26 -37.34 19.30
N LEU A 99 -3.26 -36.15 18.70
CA LEU A 99 -2.17 -35.20 18.92
C LEU A 99 -2.36 -34.48 20.25
N GLY A 100 -1.25 -34.11 20.90
CA GLY A 100 -1.29 -33.41 22.16
C GLY A 100 -1.16 -31.91 21.95
N ARG A 101 0.03 -31.38 22.23
CA ARG A 101 0.29 -29.96 21.98
C ARG A 101 1.36 -29.86 20.88
N VAL A 102 0.97 -29.22 19.79
CA VAL A 102 1.71 -29.27 18.54
C VAL A 102 2.03 -27.87 18.03
N PRO A 103 3.27 -27.65 17.54
CA PRO A 103 3.58 -26.35 16.94
C PRO A 103 2.86 -26.12 15.61
N LEU A 104 2.53 -24.87 15.31
CA LEU A 104 1.73 -24.55 14.14
C LEU A 104 2.47 -23.60 13.19
N VAL A 105 2.40 -23.92 11.90
CA VAL A 105 3.00 -23.10 10.85
C VAL A 105 1.92 -22.67 9.88
N GLY A 106 1.70 -21.37 9.75
CA GLY A 106 0.63 -20.87 8.89
C GLY A 106 0.95 -19.55 8.23
N ASN A 107 0.74 -19.49 6.91
CA ASN A 107 0.94 -18.25 6.19
C ASN A 107 -0.39 -17.68 5.71
N SER A 108 -0.52 -16.36 5.84
CA SER A 108 -1.70 -15.64 5.39
C SER A 108 -2.94 -16.13 6.16
N LEU A 109 -3.97 -16.59 5.45
CA LEU A 109 -5.21 -17.02 6.09
C LEU A 109 -4.95 -18.17 7.08
N GLY A 110 -4.07 -19.08 6.70
CA GLY A 110 -3.66 -20.18 7.56
C GLY A 110 -2.97 -19.70 8.82
N GLY A 111 -2.27 -18.58 8.72
CA GLY A 111 -1.70 -17.93 9.89
C GLY A 111 -2.80 -17.50 10.83
N GLY A 112 -3.86 -16.95 10.27
CA GLY A 112 -5.01 -16.52 11.07
C GLY A 112 -5.66 -17.68 11.78
N THR A 113 -5.76 -18.81 11.08
CA THR A 113 -6.37 -20.01 11.63
C THR A 113 -5.50 -20.59 12.75
N ALA A 114 -4.19 -20.60 12.51
CA ALA A 114 -3.22 -21.04 13.51
C ALA A 114 -3.36 -20.22 14.79
N VAL A 115 -3.45 -18.91 14.63
CA VAL A 115 -3.58 -18.01 15.76
C VAL A 115 -4.94 -18.23 16.42
N ARG A 116 -5.97 -18.37 15.60
CA ARG A 116 -7.31 -18.59 16.13
C ARG A 116 -7.35 -19.89 16.92
N PHE A 117 -6.66 -20.90 16.41
CA PHE A 117 -6.59 -22.19 17.07
C PHE A 117 -5.86 -22.07 18.41
N ALA A 118 -4.76 -21.32 18.41
CA ALA A 118 -3.94 -21.16 19.59
C ALA A 118 -4.68 -20.39 20.70
N LEU A 119 -5.57 -19.49 20.32
CA LEU A 119 -6.34 -18.74 21.30
C LEU A 119 -7.49 -19.58 21.86
N ASP A 120 -8.14 -20.36 20.99
CA ASP A 120 -9.33 -21.13 21.39
C ASP A 120 -8.98 -22.42 22.12
N TYR A 121 -7.84 -23.01 21.78
CA TYR A 121 -7.41 -24.27 22.41
C TYR A 121 -5.99 -24.15 22.93
N PRO A 122 -5.78 -23.32 23.96
CA PRO A 122 -4.42 -22.91 24.35
C PRO A 122 -3.52 -24.10 24.70
N ALA A 123 -4.11 -25.11 25.31
CA ALA A 123 -3.34 -26.28 25.74
C ALA A 123 -2.84 -27.11 24.57
N ARG A 124 -3.40 -26.88 23.38
CA ARG A 124 -3.13 -27.75 22.22
C ARG A 124 -2.13 -27.18 21.21
N ALA A 125 -1.79 -25.90 21.37
CA ALA A 125 -0.90 -25.24 20.42
C ALA A 125 0.46 -24.96 21.06
N GLY A 126 1.52 -25.35 20.35
CA GLY A 126 2.88 -25.07 20.77
C GLY A 126 3.41 -23.83 20.07
N ARG A 127 4.70 -23.85 19.73
CA ARG A 127 5.34 -22.71 19.08
C ARG A 127 4.62 -22.40 17.77
N LEU A 128 4.55 -21.11 17.44
CA LEU A 128 3.89 -20.67 16.21
C LEU A 128 4.90 -20.06 15.26
N VAL A 129 4.78 -20.44 13.99
CA VAL A 129 5.48 -19.76 12.92
C VAL A 129 4.41 -19.17 12.01
N LEU A 130 4.46 -17.86 11.82
CA LEU A 130 3.42 -17.14 11.09
C LEU A 130 4.00 -16.26 9.99
N MET A 131 3.66 -16.56 8.74
CA MET A 131 4.16 -15.79 7.59
C MET A 131 3.08 -14.88 7.02
N GLY A 132 3.33 -13.57 7.05
CA GLY A 132 2.36 -12.58 6.61
C GLY A 132 0.94 -12.91 7.03
N PRO A 133 0.75 -13.26 8.32
CA PRO A 133 -0.52 -13.81 8.79
C PRO A 133 -1.69 -12.84 8.70
N GLY A 134 -2.87 -13.36 8.41
CA GLY A 134 -4.09 -12.59 8.48
C GLY A 134 -4.56 -12.56 9.91
N GLY A 135 -5.54 -11.70 10.20
CA GLY A 135 -6.19 -11.70 11.49
C GLY A 135 -5.42 -11.05 12.62
N LEU A 136 -4.25 -11.60 12.96
CA LEU A 136 -3.41 -10.96 13.98
C LEU A 136 -2.81 -9.67 13.43
N SER A 137 -2.71 -9.54 12.12
CA SER A 137 -2.15 -8.34 11.51
C SER A 137 -3.20 -7.23 11.41
N ILE A 138 -2.74 -6.00 11.62
CA ILE A 138 -3.56 -4.82 11.38
C ILE A 138 -2.70 -3.69 10.79
N ASN A 139 -3.07 -3.24 9.61
CA ASN A 139 -2.24 -2.34 8.81
C ASN A 139 -2.34 -0.91 9.29
N LEU A 140 -1.38 -0.50 10.12
CA LEU A 140 -1.45 0.78 10.78
C LEU A 140 -1.28 1.97 9.82
N PHE A 141 -0.64 1.74 8.67
CA PHE A 141 -0.45 2.81 7.69
C PHE A 141 -1.13 2.55 6.34
N ALA A 142 -1.17 1.30 5.90
CA ALA A 142 -1.74 0.98 4.60
C ALA A 142 -3.27 1.09 4.63
N PRO A 143 -3.85 1.91 3.75
CA PRO A 143 -5.32 1.97 3.68
C PRO A 143 -5.93 0.63 3.26
N ASP A 144 -7.00 0.23 3.92
CA ASP A 144 -7.68 -1.03 3.58
C ASP A 144 -8.91 -0.77 2.71
N PRO A 145 -9.18 -1.68 1.76
CA PRO A 145 -8.42 -2.89 1.44
C PRO A 145 -7.10 -2.62 0.73
N THR A 146 -6.10 -3.44 1.04
CA THR A 146 -4.80 -3.33 0.39
C THR A 146 -4.89 -3.72 -1.08
N GLU A 147 -3.81 -3.48 -1.81
CA GLU A 147 -3.79 -3.75 -3.24
C GLU A 147 -4.07 -5.23 -3.50
N GLY A 148 -3.51 -6.08 -2.64
CA GLY A 148 -3.72 -7.51 -2.74
C GLY A 148 -5.16 -7.93 -2.54
N VAL A 149 -5.78 -7.41 -1.48
CA VAL A 149 -7.14 -7.77 -1.13
C VAL A 149 -8.12 -7.29 -2.19
N LYS A 150 -7.84 -6.13 -2.78
CA LYS A 150 -8.69 -5.60 -3.83
C LYS A 150 -8.73 -6.52 -5.04
N ARG A 151 -7.56 -6.99 -5.45
CA ARG A 151 -7.45 -7.82 -6.65
C ARG A 151 -8.05 -9.20 -6.44
N LEU A 152 -8.06 -9.67 -5.19
CA LEU A 152 -8.77 -10.88 -4.83
C LEU A 152 -10.28 -10.69 -4.96
N SER A 153 -10.80 -9.58 -4.44
CA SER A 153 -12.20 -9.26 -4.56
C SER A 153 -12.63 -9.13 -6.02
N LYS A 154 -11.79 -8.50 -6.85
CA LYS A 154 -12.11 -8.31 -8.26
C LYS A 154 -12.25 -9.67 -8.96
N PHE A 155 -11.34 -10.59 -8.66
CA PHE A 155 -11.44 -11.94 -9.21
C PHE A 155 -12.69 -12.65 -8.73
N SER A 156 -13.06 -12.43 -7.47
CA SER A 156 -14.22 -13.08 -6.89
C SER A 156 -15.49 -12.64 -7.61
N VAL A 157 -15.57 -11.35 -7.91
CA VAL A 157 -16.69 -10.78 -8.67
C VAL A 157 -16.63 -11.20 -10.14
N ALA A 158 -15.43 -11.21 -10.71
CA ALA A 158 -15.23 -11.50 -12.12
C ALA A 158 -14.10 -12.51 -12.30
N PRO A 159 -14.40 -13.80 -12.13
CA PRO A 159 -13.32 -14.80 -12.08
C PRO A 159 -12.79 -15.11 -13.47
N THR A 160 -11.89 -14.27 -13.93
CA THR A 160 -11.30 -14.40 -15.26
C THR A 160 -9.81 -14.65 -15.11
N ARG A 161 -9.21 -15.22 -16.14
CA ARG A 161 -7.79 -15.54 -16.12
C ARG A 161 -6.97 -14.26 -15.93
N GLU A 162 -7.42 -13.20 -16.59
CA GLU A 162 -6.73 -11.92 -16.58
C GLU A 162 -6.69 -11.35 -15.17
N ASN A 163 -7.82 -11.45 -14.46
CA ASN A 163 -7.93 -10.94 -13.11
C ASN A 163 -7.15 -11.79 -12.11
N LEU A 164 -7.08 -13.09 -12.37
CA LEU A 164 -6.34 -13.98 -11.47
C LEU A 164 -4.85 -13.75 -11.64
N GLU A 165 -4.42 -13.59 -12.88
CA GLU A 165 -3.01 -13.32 -13.16
C GLU A 165 -2.62 -12.00 -12.49
N ALA A 166 -3.51 -11.02 -12.55
CA ALA A 166 -3.28 -9.72 -11.92
C ALA A 166 -3.13 -9.90 -10.41
N PHE A 167 -3.97 -10.77 -9.85
CA PHE A 167 -3.92 -11.06 -8.43
C PHE A 167 -2.59 -11.72 -8.06
N LEU A 168 -2.20 -12.70 -8.86
CA LEU A 168 -0.98 -13.47 -8.61
C LEU A 168 0.26 -12.60 -8.66
N ARG A 169 0.27 -11.62 -9.55
CA ARG A 169 1.44 -10.76 -9.74
C ARG A 169 1.73 -9.83 -8.57
N VAL A 170 0.73 -9.52 -7.74
CA VAL A 170 0.98 -8.74 -6.52
C VAL A 170 1.18 -9.64 -5.30
N MET A 171 1.30 -10.95 -5.50
CA MET A 171 1.64 -11.89 -4.43
C MET A 171 3.14 -12.01 -4.19
N VAL A 172 3.94 -11.63 -5.18
CA VAL A 172 5.37 -11.90 -5.16
C VAL A 172 6.18 -10.68 -5.55
N TYR A 173 7.41 -10.62 -5.03
CA TYR A 173 8.35 -9.58 -5.40
C TYR A 173 8.86 -9.88 -6.80
N ASP A 174 9.28 -11.12 -7.00
CA ASP A 174 9.79 -11.58 -8.29
C ASP A 174 8.64 -12.11 -9.15
N LYS A 175 8.20 -11.30 -10.10
CA LYS A 175 7.01 -11.66 -10.88
C LYS A 175 7.25 -12.78 -11.89
N ASN A 176 8.52 -13.14 -12.13
CA ASN A 176 8.79 -14.28 -13.01
C ASN A 176 8.30 -15.60 -12.42
N LEU A 177 7.98 -15.61 -11.14
CA LEU A 177 7.42 -16.80 -10.51
C LEU A 177 6.01 -17.05 -11.02
N ILE A 178 5.36 -15.99 -11.50
CA ILE A 178 4.02 -16.10 -12.03
C ILE A 178 4.08 -16.54 -13.49
N THR A 179 4.24 -17.85 -13.69
CA THR A 179 4.33 -18.45 -15.02
C THR A 179 2.95 -18.82 -15.56
N PRO A 180 2.82 -18.98 -16.89
CA PRO A 180 1.55 -19.38 -17.50
C PRO A 180 0.99 -20.68 -16.91
N GLU A 181 1.88 -21.61 -16.58
CA GLU A 181 1.47 -22.89 -16.01
C GLU A 181 0.82 -22.68 -14.64
N LEU A 182 1.43 -21.81 -13.84
CA LEU A 182 0.88 -21.47 -12.53
C LEU A 182 -0.50 -20.82 -12.63
N VAL A 183 -0.64 -19.83 -13.51
CA VAL A 183 -1.93 -19.15 -13.68
C VAL A 183 -3.00 -20.15 -14.10
N ASP A 184 -2.67 -21.03 -15.04
CA ASP A 184 -3.63 -22.01 -15.53
C ASP A 184 -4.03 -23.00 -14.45
N GLN A 185 -3.06 -23.49 -13.69
CA GLN A 185 -3.34 -24.49 -12.67
C GLN A 185 -4.22 -23.91 -11.56
N ARG A 186 -3.90 -22.70 -11.08
CA ARG A 186 -4.73 -22.05 -10.08
C ARG A 186 -6.11 -21.73 -10.63
N PHE A 187 -6.17 -21.25 -11.87
CA PHE A 187 -7.45 -20.87 -12.46
C PHE A 187 -8.38 -22.06 -12.63
N ALA A 188 -7.82 -23.20 -13.03
CA ALA A 188 -8.59 -24.43 -13.18
C ALA A 188 -9.22 -24.87 -11.85
N LEU A 189 -8.44 -24.79 -10.77
CA LEU A 189 -8.94 -25.16 -9.44
C LEU A 189 -9.98 -24.15 -8.96
N ALA A 190 -9.72 -22.87 -9.22
CA ALA A 190 -10.58 -21.80 -8.73
C ALA A 190 -11.91 -21.73 -9.47
N SER A 191 -11.92 -22.21 -10.73
CA SER A 191 -13.07 -22.02 -11.60
C SER A 191 -14.12 -23.12 -11.47
N THR A 192 -13.82 -24.18 -10.71
CA THR A 192 -14.79 -25.25 -10.50
C THR A 192 -15.97 -24.73 -9.68
N PRO A 193 -17.18 -25.29 -9.92
CA PRO A 193 -18.36 -24.84 -9.16
C PRO A 193 -18.20 -25.00 -7.66
N GLU A 194 -17.49 -26.04 -7.23
CA GLU A 194 -17.30 -26.32 -5.81
C GLU A 194 -16.48 -25.20 -5.17
N SER A 195 -15.42 -24.76 -5.86
CA SER A 195 -14.59 -23.67 -5.36
C SER A 195 -15.35 -22.35 -5.39
N LEU A 196 -16.18 -22.17 -6.41
CA LEU A 196 -17.03 -20.99 -6.52
C LEU A 196 -18.06 -20.99 -5.40
N THR A 197 -18.51 -22.18 -5.01
CA THR A 197 -19.41 -22.32 -3.88
C THR A 197 -18.71 -21.82 -2.61
N ALA A 198 -17.46 -22.22 -2.46
CA ALA A 198 -16.68 -21.88 -1.28
C ALA A 198 -16.42 -20.38 -1.20
N THR A 199 -16.17 -19.76 -2.36
CA THR A 199 -15.97 -18.31 -2.44
C THR A 199 -17.19 -17.54 -1.95
N ARG A 200 -18.37 -17.98 -2.37
CA ARG A 200 -19.63 -17.36 -1.92
C ARG A 200 -19.79 -17.49 -0.40
N ALA A 201 -19.44 -18.65 0.12
CA ALA A 201 -19.52 -18.91 1.55
C ALA A 201 -18.57 -18.00 2.31
N MET A 202 -17.36 -17.85 1.79
CA MET A 202 -16.36 -16.99 2.42
C MET A 202 -16.85 -15.56 2.43
N GLY A 203 -17.42 -15.13 1.31
CA GLY A 203 -17.95 -13.79 1.18
C GLY A 203 -19.07 -13.50 2.17
N LYS A 204 -20.01 -14.43 2.25
CA LYS A 204 -21.15 -14.28 3.16
C LYS A 204 -20.72 -14.27 4.63
N SER A 205 -19.69 -15.06 4.97
CA SER A 205 -19.28 -15.20 6.37
C SER A 205 -18.75 -13.89 6.93
N PHE A 206 -18.30 -12.98 6.06
CA PHE A 206 -17.82 -11.67 6.49
C PHE A 206 -18.94 -10.81 7.08
N ALA A 207 -20.17 -11.05 6.63
CA ALA A 207 -21.31 -10.25 7.10
C ALA A 207 -21.83 -10.78 8.43
N GLY A 208 -21.18 -11.83 8.95
CA GLY A 208 -21.65 -12.49 10.14
C GLY A 208 -21.46 -11.63 11.39
N ALA A 209 -22.20 -11.95 12.44
CA ALA A 209 -22.11 -11.23 13.70
C ALA A 209 -20.86 -11.60 14.51
N ASP A 210 -20.22 -12.71 14.16
CA ASP A 210 -19.03 -13.17 14.86
C ASP A 210 -17.72 -12.65 14.26
N PHE A 211 -17.80 -11.50 13.58
CA PHE A 211 -16.65 -10.94 12.88
C PHE A 211 -15.49 -10.60 13.81
N GLU A 212 -15.79 -10.24 15.05
CA GLU A 212 -14.77 -9.77 16.00
C GLU A 212 -13.78 -10.89 16.34
N ALA A 213 -14.18 -12.13 16.10
CA ALA A 213 -13.28 -13.26 16.22
C ALA A 213 -12.13 -13.15 15.21
N GLY A 214 -12.40 -12.46 14.12
CA GLY A 214 -11.40 -12.20 13.08
C GLY A 214 -10.28 -11.27 13.50
N MET A 215 -10.57 -10.35 14.41
CA MET A 215 -9.65 -9.30 14.80
C MET A 215 -8.70 -9.77 15.92
N MET A 216 -7.88 -10.77 15.61
CA MET A 216 -7.10 -11.45 16.62
C MET A 216 -5.99 -10.59 17.24
N TRP A 217 -5.61 -9.51 16.58
CA TRP A 217 -4.63 -8.57 17.15
C TRP A 217 -5.06 -8.07 18.52
N ARG A 218 -6.36 -8.08 18.78
CA ARG A 218 -6.90 -7.70 20.08
C ARG A 218 -6.60 -8.72 21.17
N GLU A 219 -6.20 -9.93 20.78
CA GLU A 219 -6.18 -11.07 21.69
C GLU A 219 -4.82 -11.71 21.86
N VAL A 220 -3.91 -11.47 20.93
CA VAL A 220 -2.65 -12.23 20.92
C VAL A 220 -1.72 -11.90 22.09
N TYR A 221 -2.01 -10.85 22.84
CA TYR A 221 -1.26 -10.58 24.06
C TYR A 221 -1.40 -11.74 25.05
N ARG A 222 -2.44 -12.55 24.86
CA ARG A 222 -2.69 -13.71 25.72
C ARG A 222 -1.84 -14.93 25.36
N LEU A 223 -1.14 -14.88 24.23
CA LEU A 223 -0.30 -16.01 23.82
C LEU A 223 0.91 -16.13 24.73
N ARG A 224 1.13 -17.33 25.25
CA ARG A 224 2.22 -17.61 26.19
C ARG A 224 3.44 -18.24 25.53
N GLN A 225 3.25 -18.77 24.33
CA GLN A 225 4.31 -19.49 23.63
C GLN A 225 5.18 -18.55 22.82
N PRO A 226 6.38 -19.03 22.44
CA PRO A 226 7.14 -18.28 21.45
C PRO A 226 6.39 -18.21 20.13
N VAL A 227 6.46 -17.08 19.45
CA VAL A 227 5.82 -16.91 18.14
C VAL A 227 6.81 -16.25 17.21
N LEU A 228 7.11 -16.91 16.10
CA LEU A 228 8.01 -16.34 15.10
C LEU A 228 7.19 -15.76 13.94
N LEU A 229 7.19 -14.44 13.85
CA LEU A 229 6.56 -13.74 12.73
C LEU A 229 7.54 -13.61 11.58
N ILE A 230 7.12 -13.97 10.38
CA ILE A 230 7.96 -13.82 9.19
C ILE A 230 7.23 -13.00 8.12
N TRP A 231 7.91 -11.98 7.60
CA TRP A 231 7.31 -11.08 6.64
C TRP A 231 8.23 -10.81 5.45
N GLY A 232 7.62 -10.60 4.30
CA GLY A 232 8.32 -10.07 3.15
C GLY A 232 8.18 -8.56 3.18
N ARG A 233 9.30 -7.87 3.04
CA ARG A 233 9.32 -6.43 3.09
C ARG A 233 8.36 -5.83 2.06
N GLU A 234 8.25 -6.47 0.90
CA GLU A 234 7.44 -5.96 -0.20
C GLU A 234 6.04 -6.61 -0.28
N ASP A 235 5.57 -7.15 0.84
CA ASP A 235 4.25 -7.78 0.90
C ASP A 235 3.15 -6.75 0.63
N ARG A 236 2.38 -7.00 -0.44
CA ARG A 236 1.34 -6.07 -0.86
C ARG A 236 -0.06 -6.53 -0.49
N VAL A 237 -0.17 -7.63 0.25
CA VAL A 237 -1.46 -8.14 0.71
C VAL A 237 -1.62 -7.80 2.18
N ASN A 238 -0.67 -8.29 2.97
CA ASN A 238 -0.57 -7.97 4.39
C ASN A 238 0.77 -7.27 4.60
N PRO A 239 0.77 -5.94 4.45
CA PRO A 239 2.06 -5.24 4.43
C PRO A 239 2.74 -5.21 5.80
N LEU A 240 4.00 -4.79 5.79
CA LEU A 240 4.88 -4.91 6.94
C LEU A 240 4.39 -4.15 8.17
N ASP A 241 3.70 -3.03 7.99
CA ASP A 241 3.21 -2.25 9.12
C ASP A 241 2.19 -3.03 9.95
N GLY A 242 1.69 -4.13 9.39
CA GLY A 242 0.72 -4.96 10.06
C GLY A 242 1.29 -5.89 11.13
N ALA A 243 2.61 -5.99 11.20
CA ALA A 243 3.27 -6.88 12.16
C ALA A 243 3.40 -6.26 13.54
N LEU A 244 3.19 -4.95 13.62
CA LEU A 244 3.64 -4.17 14.76
C LEU A 244 2.88 -4.46 16.04
N VAL A 245 1.55 -4.55 15.98
CA VAL A 245 0.77 -4.84 17.18
C VAL A 245 1.15 -6.21 17.75
N ALA A 246 1.27 -7.20 16.88
CA ALA A 246 1.60 -8.56 17.30
C ALA A 246 3.01 -8.65 17.90
N LEU A 247 3.98 -8.06 17.22
CA LEU A 247 5.35 -8.05 17.71
C LEU A 247 5.42 -7.40 19.09
N LYS A 248 4.62 -6.35 19.29
CA LYS A 248 4.61 -5.63 20.54
C LYS A 248 3.95 -6.42 21.68
N THR A 249 2.78 -7.01 21.42
CA THR A 249 1.94 -7.51 22.52
C THR A 249 2.13 -8.99 22.81
N ILE A 250 2.67 -9.75 21.87
CA ILE A 250 2.98 -11.15 22.12
C ILE A 250 4.30 -11.21 22.90
N PRO A 251 4.26 -11.64 24.17
CA PRO A 251 5.45 -11.48 25.03
C PRO A 251 6.71 -12.15 24.49
N ARG A 252 6.59 -13.35 23.95
CA ARG A 252 7.75 -14.08 23.46
C ARG A 252 7.79 -14.12 21.94
N ALA A 253 7.40 -13.02 21.31
CA ALA A 253 7.41 -12.92 19.86
C ALA A 253 8.81 -12.67 19.28
N GLN A 254 8.99 -13.10 18.04
CA GLN A 254 10.12 -12.68 17.25
C GLN A 254 9.60 -12.27 15.88
N LEU A 255 10.35 -11.42 15.20
CA LEU A 255 9.99 -11.01 13.85
C LEU A 255 11.20 -11.13 12.95
N HIS A 256 10.99 -11.78 11.80
CA HIS A 256 12.01 -11.80 10.77
C HIS A 256 11.46 -11.26 9.46
N VAL A 257 12.17 -10.30 8.89
CA VAL A 257 11.74 -9.64 7.66
C VAL A 257 12.75 -9.90 6.57
N PHE A 258 12.27 -10.37 5.42
CA PHE A 258 13.11 -10.58 4.26
C PHE A 258 12.93 -9.44 3.27
N GLY A 259 14.04 -8.82 2.90
CA GLY A 259 14.04 -7.84 1.83
C GLY A 259 13.87 -8.56 0.51
N GLN A 260 13.30 -7.87 -0.47
CA GLN A 260 13.10 -8.44 -1.80
C GLN A 260 12.28 -9.71 -1.73
N CYS A 261 11.18 -9.65 -0.97
CA CYS A 261 10.29 -10.78 -0.78
C CYS A 261 8.86 -10.26 -0.57
N GLY A 262 7.91 -10.90 -1.24
CA GLY A 262 6.52 -10.52 -1.15
C GLY A 262 5.73 -11.33 -0.13
N HIS A 263 4.47 -11.55 -0.46
CA HIS A 263 3.52 -12.22 0.43
C HIS A 263 3.78 -13.73 0.55
N TRP A 264 4.32 -14.32 -0.51
CA TRP A 264 4.58 -15.77 -0.54
C TRP A 264 5.96 -16.13 -0.01
N VAL A 265 6.20 -15.83 1.27
CA VAL A 265 7.53 -16.00 1.86
C VAL A 265 8.08 -17.41 1.68
N GLN A 266 7.23 -18.42 1.87
CA GLN A 266 7.68 -19.81 1.90
C GLN A 266 8.12 -20.28 0.50
N VAL A 267 7.74 -19.52 -0.52
CA VAL A 267 8.15 -19.82 -1.90
C VAL A 267 9.37 -18.97 -2.30
N GLU A 268 9.26 -17.66 -2.14
CA GLU A 268 10.32 -16.74 -2.58
C GLU A 268 11.60 -16.90 -1.78
N LYS A 269 11.46 -17.16 -0.48
CA LYS A 269 12.62 -17.33 0.40
C LYS A 269 12.53 -18.69 1.05
N PHE A 270 12.32 -19.71 0.23
CA PHE A 270 11.99 -21.03 0.73
C PHE A 270 13.11 -21.64 1.56
N ASP A 271 14.35 -21.51 1.09
CA ASP A 271 15.47 -22.08 1.82
C ASP A 271 15.69 -21.36 3.16
N GLU A 272 15.71 -20.04 3.13
CA GLU A 272 15.91 -19.26 4.36
C GLU A 272 14.76 -19.49 5.31
N PHE A 273 13.55 -19.60 4.77
CA PHE A 273 12.37 -19.88 5.58
C PHE A 273 12.45 -21.25 6.24
N ASN A 274 12.88 -22.26 5.49
CA ASN A 274 12.96 -23.63 6.01
C ASN A 274 13.90 -23.71 7.20
N LYS A 275 15.09 -23.13 7.04
CA LYS A 275 16.11 -23.18 8.08
C LYS A 275 15.64 -22.46 9.34
N LEU A 276 15.00 -21.30 9.18
CA LEU A 276 14.48 -20.55 10.32
C LEU A 276 13.45 -21.36 11.08
N THR A 277 12.56 -22.02 10.34
CA THR A 277 11.49 -22.80 10.95
C THR A 277 12.07 -24.02 11.66
N ILE A 278 12.99 -24.70 10.99
CA ILE A 278 13.58 -25.92 11.52
C ILE A 278 14.31 -25.60 12.81
N GLU A 279 15.09 -24.52 12.79
CA GLU A 279 15.83 -24.13 13.97
C GLU A 279 14.88 -23.71 15.09
N PHE A 280 13.86 -22.93 14.73
CA PHE A 280 12.91 -22.39 15.70
C PHE A 280 12.09 -23.48 16.40
N LEU A 281 11.84 -24.58 15.69
CA LEU A 281 11.07 -25.69 16.26
C LEU A 281 11.97 -26.72 16.95
N GLY A 282 13.26 -26.45 17.01
CA GLY A 282 14.16 -27.19 17.87
C GLY A 282 15.17 -28.09 17.18
N GLY A 283 15.16 -28.08 15.85
CA GLY A 283 16.12 -28.84 15.07
C GLY A 283 15.72 -30.31 14.92
N GLY A 284 14.72 -30.73 15.69
CA GLY A 284 14.21 -32.10 15.68
C GLY A 284 15.27 -33.18 15.48
N LEU B 1 -13.31 36.67 -8.85
CA LEU B 1 -12.09 35.89 -9.13
C LEU B 1 -12.35 34.79 -10.16
N THR B 2 -11.70 34.92 -11.31
CA THR B 2 -11.81 33.94 -12.39
C THR B 2 -10.44 33.54 -12.94
N PHE B 3 -10.42 32.46 -13.72
CA PHE B 3 -9.19 31.96 -14.33
C PHE B 3 -8.50 32.99 -15.22
N GLU B 4 -9.29 33.67 -16.05
CA GLU B 4 -8.74 34.62 -17.02
C GLU B 4 -8.19 35.86 -16.34
N SER B 5 -8.92 36.34 -15.34
CA SER B 5 -8.57 37.59 -14.67
C SER B 5 -7.30 37.49 -13.84
N THR B 6 -7.03 36.32 -13.27
CA THR B 6 -5.85 36.16 -12.42
C THR B 6 -4.64 35.72 -13.22
N SER B 7 -4.85 35.28 -14.46
CA SER B 7 -3.78 34.74 -15.29
C SER B 7 -2.64 35.73 -15.55
N ARG B 8 -1.41 35.23 -15.47
CA ARG B 8 -0.22 36.04 -15.73
C ARG B 8 0.84 35.16 -16.39
N PHE B 9 1.80 35.78 -17.07
CA PHE B 9 2.91 35.05 -17.66
C PHE B 9 4.25 35.69 -17.31
N ALA B 10 5.29 34.86 -17.30
CA ALA B 10 6.65 35.33 -17.13
C ALA B 10 7.59 34.43 -17.91
N GLU B 11 8.72 34.98 -18.35
CA GLU B 11 9.75 34.20 -19.00
C GLU B 11 11.00 34.24 -18.12
N VAL B 12 11.49 33.06 -17.79
CA VAL B 12 12.68 32.92 -16.95
C VAL B 12 13.71 32.08 -17.68
N ASP B 13 14.90 32.00 -17.11
CA ASP B 13 15.99 31.26 -17.74
C ASP B 13 16.33 30.00 -16.96
N VAL B 14 16.04 28.85 -17.56
CA VAL B 14 16.51 27.58 -17.04
C VAL B 14 17.17 26.87 -18.21
N ASP B 15 18.47 27.10 -18.38
CA ASP B 15 19.20 26.66 -19.55
C ASP B 15 18.46 27.12 -20.82
N GLY B 16 18.05 28.39 -20.82
CA GLY B 16 17.33 28.97 -21.95
C GLY B 16 15.94 29.44 -21.53
N PRO B 17 15.26 30.18 -22.42
CA PRO B 17 13.93 30.72 -22.13
C PRO B 17 12.92 29.66 -21.67
N LEU B 18 12.14 29.99 -20.64
CA LEU B 18 11.10 29.09 -20.15
C LEU B 18 9.86 29.89 -19.79
N LYS B 19 8.76 29.63 -20.49
CA LYS B 19 7.52 30.35 -20.22
C LYS B 19 6.84 29.73 -19.01
N LEU B 20 6.55 30.57 -18.01
CA LEU B 20 5.82 30.15 -16.82
C LEU B 20 4.47 30.85 -16.77
N HIS B 21 3.41 30.08 -16.56
CA HIS B 21 2.08 30.65 -16.34
C HIS B 21 1.76 30.57 -14.85
N TYR B 22 1.12 31.61 -14.32
CA TYR B 22 0.69 31.58 -12.93
C TYR B 22 -0.57 32.42 -12.75
N HIS B 23 -1.16 32.33 -11.55
CA HIS B 23 -2.33 33.13 -11.19
C HIS B 23 -2.01 34.03 -10.01
N GLU B 24 -2.45 35.28 -10.09
CA GLU B 24 -2.20 36.25 -9.03
C GLU B 24 -3.52 36.78 -8.49
N ALA B 25 -3.65 36.79 -7.16
CA ALA B 25 -4.83 37.32 -6.50
C ALA B 25 -4.46 37.93 -5.14
N GLY B 26 -5.41 38.64 -4.54
CA GLY B 26 -5.19 39.27 -3.24
C GLY B 26 -4.02 40.23 -3.28
N VAL B 27 -3.88 40.92 -4.41
CA VAL B 27 -2.72 41.77 -4.67
C VAL B 27 -2.42 42.77 -3.56
N GLY B 28 -3.47 43.36 -2.98
CA GLY B 28 -3.31 44.35 -1.94
C GLY B 28 -2.88 43.83 -0.58
N ASN B 29 -2.80 42.51 -0.43
CA ASN B 29 -2.58 41.92 0.89
C ASN B 29 -1.10 41.90 1.25
N ASP B 30 -0.82 41.88 2.55
CA ASP B 30 0.53 42.15 3.06
C ASP B 30 1.53 41.04 2.76
N GLN B 31 1.10 39.78 2.92
CA GLN B 31 2.02 38.65 2.81
C GLN B 31 1.82 37.83 1.53
N THR B 32 2.92 37.62 0.82
CA THR B 32 2.92 36.84 -0.42
C THR B 32 3.02 35.34 -0.12
N VAL B 33 2.25 34.53 -0.83
CA VAL B 33 2.31 33.08 -0.68
C VAL B 33 2.27 32.39 -2.04
N VAL B 34 3.18 31.43 -2.23
CA VAL B 34 3.26 30.69 -3.50
C VAL B 34 2.62 29.31 -3.35
N LEU B 35 1.71 28.98 -4.28
CA LEU B 35 1.06 27.68 -4.29
C LEU B 35 1.62 26.82 -5.42
N LEU B 36 1.91 25.55 -5.12
CA LEU B 36 2.41 24.61 -6.11
C LEU B 36 1.54 23.36 -6.18
N HIS B 37 0.90 23.17 -7.33
CA HIS B 37 -0.13 22.14 -7.51
C HIS B 37 0.41 20.71 -7.62
N GLY B 38 -0.53 19.76 -7.69
CA GLY B 38 -0.22 18.35 -7.84
C GLY B 38 0.22 17.94 -9.25
N GLY B 39 0.81 16.75 -9.33
CA GLY B 39 1.44 16.26 -10.54
C GLY B 39 0.71 15.25 -11.40
N GLY B 40 -0.58 15.02 -11.14
CA GLY B 40 -1.34 14.06 -11.93
C GLY B 40 -1.47 14.50 -13.37
N PRO B 41 -1.90 13.58 -14.26
CA PRO B 41 -2.06 13.99 -15.66
C PRO B 41 -3.21 14.99 -15.82
N GLY B 42 -2.95 16.08 -16.53
CA GLY B 42 -3.97 17.09 -16.77
C GLY B 42 -4.09 18.10 -15.64
N ALA B 43 -3.24 17.95 -14.62
CA ALA B 43 -3.28 18.83 -13.46
C ALA B 43 -2.73 20.23 -13.77
N ALA B 44 -3.31 21.25 -13.13
CA ALA B 44 -2.81 22.62 -13.22
C ALA B 44 -3.26 23.41 -11.99
N SER B 45 -2.70 24.60 -11.82
CA SER B 45 -2.89 25.38 -10.59
C SER B 45 -4.35 25.70 -10.25
N TRP B 46 -5.10 26.22 -11.23
CA TRP B 46 -6.45 26.70 -10.93
C TRP B 46 -7.34 25.57 -10.44
N THR B 47 -7.33 24.46 -11.18
CA THR B 47 -8.20 23.32 -10.85
C THR B 47 -7.72 22.59 -9.60
N ASN B 48 -6.40 22.59 -9.39
CA ASN B 48 -5.83 21.93 -8.21
C ASN B 48 -6.27 22.62 -6.93
N PHE B 49 -6.41 23.94 -7.00
CA PHE B 49 -6.63 24.78 -5.83
C PHE B 49 -7.97 25.53 -5.92
N SER B 50 -8.92 24.98 -6.68
CA SER B 50 -10.18 25.67 -6.93
C SER B 50 -10.93 26.02 -5.66
N ARG B 51 -10.86 25.14 -4.67
CA ARG B 51 -11.59 25.32 -3.42
C ARG B 51 -10.82 26.15 -2.40
N ASN B 52 -9.64 26.63 -2.78
CA ASN B 52 -8.73 27.26 -1.82
C ASN B 52 -8.25 28.69 -2.17
N ILE B 53 -8.00 28.96 -3.45
CA ILE B 53 -7.39 30.23 -3.86
C ILE B 53 -8.24 31.45 -3.46
N ALA B 54 -9.54 31.37 -3.68
CA ALA B 54 -10.44 32.47 -3.35
C ALA B 54 -10.42 32.79 -1.86
N VAL B 55 -10.50 31.75 -1.04
CA VAL B 55 -10.51 31.91 0.41
C VAL B 55 -9.16 32.43 0.90
N LEU B 56 -8.07 31.85 0.38
CA LEU B 56 -6.73 32.26 0.78
C LEU B 56 -6.42 33.71 0.38
N ALA B 57 -7.04 34.16 -0.72
CA ALA B 57 -6.75 35.48 -1.27
C ALA B 57 -7.18 36.62 -0.36
N ARG B 58 -8.15 36.36 0.52
CA ARG B 58 -8.63 37.37 1.45
C ARG B 58 -7.59 37.77 2.49
N HIS B 59 -6.62 36.90 2.72
CA HIS B 59 -5.61 37.13 3.76
C HIS B 59 -4.21 37.31 3.18
N PHE B 60 -3.99 36.80 1.96
CA PHE B 60 -2.65 36.78 1.38
C PHE B 60 -2.62 37.25 -0.07
N HIS B 61 -1.42 37.63 -0.50
CA HIS B 61 -1.13 37.86 -1.91
C HIS B 61 -0.73 36.51 -2.51
N VAL B 62 -1.62 35.94 -3.31
CA VAL B 62 -1.46 34.57 -3.77
C VAL B 62 -0.82 34.50 -5.16
N LEU B 63 0.17 33.63 -5.29
CA LEU B 63 0.76 33.32 -6.58
C LEU B 63 0.72 31.81 -6.81
N ALA B 64 -0.18 31.37 -7.68
CA ALA B 64 -0.36 29.95 -7.96
C ALA B 64 0.30 29.59 -9.28
N VAL B 65 1.42 28.88 -9.20
CA VAL B 65 2.30 28.67 -10.34
C VAL B 65 2.06 27.33 -11.01
N ASP B 66 1.79 27.37 -12.33
CA ASP B 66 1.80 26.16 -13.14
C ASP B 66 3.24 25.72 -13.27
N GLN B 67 3.56 24.56 -12.73
CA GLN B 67 4.92 24.05 -12.82
C GLN B 67 5.23 23.64 -14.25
N PRO B 68 6.50 23.76 -14.67
CA PRO B 68 6.86 23.39 -16.04
C PRO B 68 6.41 21.96 -16.38
N GLY B 69 5.78 21.81 -17.54
CA GLY B 69 5.20 20.54 -17.95
C GLY B 69 3.71 20.48 -17.67
N TYR B 70 3.18 21.51 -17.01
CA TYR B 70 1.78 21.53 -16.61
C TYR B 70 1.13 22.86 -16.95
N GLY B 71 -0.20 22.85 -17.07
CA GLY B 71 -0.97 24.05 -17.29
C GLY B 71 -0.59 24.74 -18.58
N HIS B 72 -0.25 26.03 -18.49
CA HIS B 72 0.16 26.80 -19.66
C HIS B 72 1.64 27.16 -19.62
N SER B 73 2.39 26.53 -18.73
CA SER B 73 3.84 26.70 -18.72
C SER B 73 4.44 25.81 -19.79
N ASP B 74 5.66 26.14 -20.23
CA ASP B 74 6.34 25.37 -21.26
C ASP B 74 6.46 23.90 -20.88
N LYS B 75 6.23 23.03 -21.87
CA LYS B 75 6.29 21.59 -21.68
C LYS B 75 7.44 20.96 -22.47
N ARG B 76 8.66 21.10 -21.95
CA ARG B 76 9.85 20.60 -22.62
C ARG B 76 9.88 19.08 -22.69
N ALA B 77 10.49 18.55 -23.75
CA ALA B 77 10.64 17.11 -23.95
C ALA B 77 11.70 16.50 -23.03
N GLU B 78 12.70 17.32 -22.67
CA GLU B 78 13.80 16.85 -21.83
C GLU B 78 14.07 17.80 -20.66
N HIS B 79 14.36 17.23 -19.49
CA HIS B 79 14.79 18.01 -18.34
C HIS B 79 15.47 17.11 -17.31
N GLY B 80 16.18 17.71 -16.37
CA GLY B 80 16.85 16.97 -15.31
C GLY B 80 15.86 16.57 -14.22
N GLN B 81 16.38 16.27 -13.03
CA GLN B 81 15.51 15.87 -11.92
C GLN B 81 14.44 16.95 -11.75
N PHE B 82 13.18 16.54 -11.69
CA PHE B 82 12.08 17.48 -11.91
C PHE B 82 11.96 18.57 -10.86
N ASN B 83 12.08 18.21 -9.59
CA ASN B 83 11.87 19.19 -8.52
C ASN B 83 12.91 20.30 -8.56
N ARG B 84 14.14 19.95 -8.89
CA ARG B 84 15.21 20.92 -9.04
C ARG B 84 14.94 21.81 -10.25
N TYR B 85 14.48 21.20 -11.32
CA TYR B 85 14.13 21.89 -12.56
C TYR B 85 13.02 22.92 -12.31
N ALA B 86 11.96 22.49 -11.64
CA ALA B 86 10.86 23.38 -11.31
C ALA B 86 11.30 24.44 -10.30
N ALA B 87 12.22 24.07 -9.42
CA ALA B 87 12.74 25.00 -8.42
C ALA B 87 13.54 26.11 -9.10
N MET B 88 14.36 25.75 -10.08
CA MET B 88 15.14 26.72 -10.85
C MET B 88 14.22 27.70 -11.56
N ALA B 89 13.11 27.18 -12.08
CA ALA B 89 12.10 28.03 -12.70
C ALA B 89 11.52 28.98 -11.67
N LEU B 90 11.25 28.46 -10.47
CA LEU B 90 10.64 29.24 -9.40
C LEU B 90 11.63 30.27 -8.86
N LYS B 91 12.90 29.87 -8.81
CA LYS B 91 13.98 30.76 -8.39
C LYS B 91 14.05 31.97 -9.32
N GLY B 92 13.89 31.71 -10.62
CA GLY B 92 13.88 32.76 -11.62
C GLY B 92 12.71 33.71 -11.44
N LEU B 93 11.56 33.15 -11.12
CA LEU B 93 10.35 33.94 -10.95
C LEU B 93 10.43 34.83 -9.71
N PHE B 94 11.06 34.31 -8.65
CA PHE B 94 11.28 35.07 -7.43
C PHE B 94 12.06 36.35 -7.70
N ASP B 95 13.16 36.23 -8.42
CA ASP B 95 14.03 37.36 -8.71
C ASP B 95 13.30 38.38 -9.57
N GLN B 96 12.50 37.86 -10.49
CA GLN B 96 11.73 38.67 -11.41
C GLN B 96 10.72 39.52 -10.65
N LEU B 97 9.98 38.88 -9.74
CA LEU B 97 8.95 39.57 -8.96
C LEU B 97 9.55 40.32 -7.76
N GLY B 98 10.86 40.18 -7.56
CA GLY B 98 11.56 40.88 -6.49
C GLY B 98 11.26 40.37 -5.08
N LEU B 99 10.92 39.08 -4.98
CA LEU B 99 10.52 38.48 -3.71
C LEU B 99 11.73 38.13 -2.83
N GLY B 100 11.52 38.20 -1.51
CA GLY B 100 12.56 37.89 -0.54
C GLY B 100 12.47 36.46 -0.04
N ARG B 101 11.93 36.31 1.17
CA ARG B 101 11.69 35.00 1.76
C ARG B 101 10.18 34.79 1.85
N VAL B 102 9.68 33.79 1.14
CA VAL B 102 8.24 33.63 0.94
C VAL B 102 7.78 32.23 1.35
N PRO B 103 6.64 32.14 2.06
CA PRO B 103 6.14 30.80 2.41
C PRO B 103 5.61 30.04 1.19
N LEU B 104 5.75 28.73 1.21
CA LEU B 104 5.37 27.90 0.07
C LEU B 104 4.33 26.88 0.46
N VAL B 105 3.31 26.73 -0.39
CA VAL B 105 2.27 25.74 -0.18
C VAL B 105 2.28 24.80 -1.37
N GLY B 106 2.52 23.51 -1.11
CA GLY B 106 2.62 22.55 -2.19
C GLY B 106 2.10 21.17 -1.85
N ASN B 107 1.25 20.62 -2.71
CA ASN B 107 0.75 19.27 -2.53
C ASN B 107 1.32 18.31 -3.56
N SER B 108 1.71 17.13 -3.08
CA SER B 108 2.24 16.07 -3.92
C SER B 108 3.51 16.58 -4.63
N LEU B 109 3.51 16.57 -5.96
CA LEU B 109 4.66 16.98 -6.73
C LEU B 109 5.10 18.40 -6.39
N GLY B 110 4.11 19.28 -6.21
CA GLY B 110 4.37 20.65 -5.81
C GLY B 110 4.99 20.75 -4.44
N GLY B 111 4.65 19.81 -3.56
CA GLY B 111 5.28 19.72 -2.26
C GLY B 111 6.76 19.41 -2.41
N GLY B 112 7.07 18.49 -3.30
CA GLY B 112 8.45 18.13 -3.57
C GLY B 112 9.24 19.30 -4.12
N THR B 113 8.60 20.08 -4.98
CA THR B 113 9.23 21.24 -5.58
C THR B 113 9.47 22.33 -4.54
N ALA B 114 8.47 22.55 -3.69
CA ALA B 114 8.58 23.52 -2.60
C ALA B 114 9.79 23.22 -1.71
N VAL B 115 9.95 21.95 -1.35
CA VAL B 115 11.05 21.51 -0.51
C VAL B 115 12.40 21.62 -1.21
N ARG B 116 12.46 21.20 -2.47
CA ARG B 116 13.71 21.26 -3.23
C ARG B 116 14.17 22.71 -3.32
N PHE B 117 13.19 23.60 -3.49
CA PHE B 117 13.44 25.02 -3.55
C PHE B 117 14.01 25.54 -2.23
N ALA B 118 13.40 25.11 -1.13
CA ALA B 118 13.80 25.57 0.20
C ALA B 118 15.21 25.10 0.54
N LEU B 119 15.61 23.96 0.00
CA LEU B 119 16.96 23.43 0.25
C LEU B 119 18.02 24.10 -0.63
N ASP B 120 17.67 24.38 -1.88
CA ASP B 120 18.62 24.92 -2.85
C ASP B 120 18.81 26.43 -2.71
N TYR B 121 17.76 27.12 -2.28
CA TYR B 121 17.78 28.57 -2.11
C TYR B 121 17.25 28.93 -0.72
N PRO B 122 18.02 28.57 0.33
CA PRO B 122 17.49 28.60 1.70
C PRO B 122 16.98 29.96 2.13
N ALA B 123 17.66 31.01 1.67
CA ALA B 123 17.30 32.37 2.06
C ALA B 123 15.96 32.84 1.48
N ARG B 124 15.44 32.11 0.49
CA ARG B 124 14.26 32.58 -0.25
C ARG B 124 12.94 31.93 0.18
N ALA B 125 13.01 30.90 1.03
CA ALA B 125 11.80 30.16 1.41
C ALA B 125 11.42 30.37 2.87
N GLY B 126 10.15 30.69 3.09
CA GLY B 126 9.59 30.82 4.44
C GLY B 126 8.88 29.57 4.90
N ARG B 127 7.78 29.75 5.64
CA ARG B 127 7.02 28.63 6.18
C ARG B 127 6.54 27.71 5.06
N LEU B 128 6.49 26.42 5.34
CA LEU B 128 6.02 25.45 4.36
C LEU B 128 4.75 24.76 4.82
N VAL B 129 3.81 24.64 3.91
CA VAL B 129 2.66 23.76 4.07
C VAL B 129 2.79 22.72 2.97
N LEU B 130 2.86 21.46 3.36
CA LEU B 130 3.09 20.38 2.42
C LEU B 130 2.04 19.31 2.59
N MET B 131 1.22 19.09 1.56
CA MET B 131 0.17 18.09 1.62
C MET B 131 0.55 16.86 0.82
N GLY B 132 0.62 15.73 1.51
CA GLY B 132 1.08 14.48 0.90
C GLY B 132 2.25 14.68 -0.05
N PRO B 133 3.28 15.43 0.38
CA PRO B 133 4.37 15.81 -0.53
C PRO B 133 5.19 14.63 -1.02
N GLY B 134 5.65 14.72 -2.26
CA GLY B 134 6.61 13.78 -2.81
C GLY B 134 8.01 14.20 -2.44
N GLY B 135 8.99 13.32 -2.68
CA GLY B 135 10.39 13.69 -2.51
C GLY B 135 10.82 13.75 -1.06
N LEU B 136 10.17 14.61 -0.30
CA LEU B 136 10.41 14.73 1.13
C LEU B 136 9.91 13.48 1.87
N SER B 137 8.92 12.83 1.30
CA SER B 137 8.36 11.60 1.85
C SER B 137 9.15 10.36 1.43
N ILE B 138 9.21 9.37 2.31
CA ILE B 138 9.75 8.07 1.97
C ILE B 138 8.91 6.97 2.66
N ASN B 139 8.33 6.08 1.86
CA ASN B 139 7.35 5.12 2.35
C ASN B 139 8.00 3.93 3.06
N LEU B 140 8.09 4.02 4.38
CA LEU B 140 8.79 3.05 5.20
C LEU B 140 8.14 1.67 5.26
N PHE B 141 6.84 1.61 5.02
CA PHE B 141 6.14 0.33 5.04
C PHE B 141 5.54 -0.03 3.68
N ALA B 142 5.08 0.96 2.93
CA ALA B 142 4.45 0.70 1.64
C ALA B 142 5.49 0.30 0.60
N PRO B 143 5.32 -0.87 -0.03
CA PRO B 143 6.19 -1.24 -1.15
C PRO B 143 6.05 -0.27 -2.32
N ASP B 144 7.16 0.14 -2.91
CA ASP B 144 7.13 1.05 -4.06
C ASP B 144 7.29 0.26 -5.35
N PRO B 145 6.57 0.67 -6.41
CA PRO B 145 5.63 1.79 -6.47
C PRO B 145 4.31 1.47 -5.75
N THR B 146 3.72 2.50 -5.15
CA THR B 146 2.42 2.34 -4.52
C THR B 146 1.36 2.15 -5.58
N GLU B 147 0.17 1.78 -5.15
CA GLU B 147 -0.97 1.56 -6.03
C GLU B 147 -1.28 2.82 -6.83
N GLY B 148 -1.18 3.98 -6.18
CA GLY B 148 -1.43 5.25 -6.82
C GLY B 148 -0.46 5.49 -7.96
N VAL B 149 0.82 5.26 -7.69
CA VAL B 149 1.87 5.48 -8.67
C VAL B 149 1.73 4.49 -9.83
N LYS B 150 1.30 3.26 -9.54
CA LYS B 150 1.10 2.26 -10.58
C LYS B 150 0.08 2.75 -11.59
N ARG B 151 -1.01 3.31 -11.09
CA ARG B 151 -2.10 3.79 -11.95
C ARG B 151 -1.70 5.01 -12.75
N LEU B 152 -0.77 5.79 -12.21
CA LEU B 152 -0.19 6.90 -12.96
C LEU B 152 0.60 6.34 -14.14
N SER B 153 1.44 5.35 -13.84
CA SER B 153 2.29 4.70 -14.84
C SER B 153 1.47 4.02 -15.94
N LYS B 154 0.40 3.34 -15.57
CA LYS B 154 -0.40 2.63 -16.55
C LYS B 154 -1.02 3.64 -17.53
N PHE B 155 -1.41 4.80 -17.02
CA PHE B 155 -1.92 5.85 -17.88
C PHE B 155 -0.87 6.34 -18.87
N SER B 156 0.37 6.44 -18.43
CA SER B 156 1.45 6.93 -19.28
C SER B 156 1.70 6.00 -20.46
N VAL B 157 1.69 4.70 -20.18
CA VAL B 157 1.86 3.70 -21.23
C VAL B 157 0.62 3.67 -22.12
N ALA B 158 -0.55 3.74 -21.49
CA ALA B 158 -1.83 3.61 -22.18
C ALA B 158 -2.81 4.70 -21.77
N PRO B 159 -2.67 5.90 -22.39
CA PRO B 159 -3.45 7.07 -21.96
C PRO B 159 -4.88 7.04 -22.50
N THR B 160 -5.75 6.32 -21.81
CA THR B 160 -7.15 6.17 -22.20
C THR B 160 -8.00 6.77 -21.10
N ARG B 161 -9.25 7.09 -21.42
CA ARG B 161 -10.15 7.68 -20.44
C ARG B 161 -10.34 6.72 -19.27
N GLU B 162 -10.41 5.42 -19.56
CA GLU B 162 -10.63 4.41 -18.54
C GLU B 162 -9.46 4.36 -17.54
N ASN B 163 -8.23 4.46 -18.05
CA ASN B 163 -7.07 4.41 -17.18
C ASN B 163 -6.95 5.68 -16.34
N LEU B 164 -7.39 6.81 -16.90
CA LEU B 164 -7.35 8.06 -16.17
C LEU B 164 -8.41 8.09 -15.08
N GLU B 165 -9.60 7.58 -15.40
CA GLU B 165 -10.67 7.48 -14.42
C GLU B 165 -10.22 6.60 -13.27
N ALA B 166 -9.53 5.51 -13.60
CA ALA B 166 -9.01 4.60 -12.59
C ALA B 166 -7.98 5.29 -11.71
N PHE B 167 -7.14 6.12 -12.33
CA PHE B 167 -6.13 6.87 -11.59
C PHE B 167 -6.75 7.87 -10.63
N LEU B 168 -7.74 8.61 -11.11
CA LEU B 168 -8.39 9.64 -10.31
C LEU B 168 -9.12 9.03 -9.11
N ARG B 169 -9.70 7.85 -9.29
CA ARG B 169 -10.47 7.21 -8.23
C ARG B 169 -9.64 6.75 -7.01
N VAL B 170 -8.34 6.54 -7.19
CA VAL B 170 -7.48 6.24 -6.05
C VAL B 170 -6.81 7.50 -5.50
N MET B 171 -7.21 8.67 -6.00
CA MET B 171 -6.75 9.94 -5.46
C MET B 171 -7.56 10.39 -4.26
N VAL B 172 -8.77 9.86 -4.12
CA VAL B 172 -9.72 10.38 -3.16
C VAL B 172 -10.37 9.28 -2.35
N TYR B 173 -10.77 9.63 -1.13
CA TYR B 173 -11.53 8.71 -0.29
C TYR B 173 -12.97 8.67 -0.79
N ASP B 174 -13.55 9.86 -1.00
CA ASP B 174 -14.92 9.96 -1.51
C ASP B 174 -14.87 10.01 -3.03
N LYS B 175 -15.15 8.86 -3.63
CA LYS B 175 -14.97 8.63 -5.05
C LYS B 175 -16.03 9.34 -5.89
N ASN B 176 -17.09 9.79 -5.22
CA ASN B 176 -18.13 10.59 -5.87
C ASN B 176 -17.59 11.95 -6.32
N LEU B 177 -16.42 12.32 -5.80
CA LEU B 177 -15.76 13.54 -6.23
C LEU B 177 -15.25 13.38 -7.66
N ILE B 178 -15.07 12.14 -8.07
CA ILE B 178 -14.62 11.83 -9.42
C ILE B 178 -15.86 11.80 -10.31
N THR B 179 -16.28 12.97 -10.76
CA THR B 179 -17.47 13.08 -11.60
C THR B 179 -17.12 12.87 -13.07
N PRO B 180 -18.10 12.47 -13.89
CA PRO B 180 -17.86 12.29 -15.32
C PRO B 180 -17.28 13.54 -15.97
N GLU B 181 -17.73 14.70 -15.50
CA GLU B 181 -17.26 15.98 -16.02
C GLU B 181 -15.78 16.19 -15.72
N LEU B 182 -15.37 15.87 -14.50
CA LEU B 182 -13.97 15.99 -14.10
C LEU B 182 -13.07 15.09 -14.95
N VAL B 183 -13.47 13.84 -15.12
CA VAL B 183 -12.71 12.89 -15.93
C VAL B 183 -12.56 13.41 -17.36
N ASP B 184 -13.65 13.93 -17.91
CA ASP B 184 -13.65 14.45 -19.28
C ASP B 184 -12.75 15.66 -19.37
N GLN B 185 -12.86 16.57 -18.41
CA GLN B 185 -12.08 17.79 -18.41
C GLN B 185 -10.59 17.47 -18.27
N ARG B 186 -10.27 16.57 -17.35
CA ARG B 186 -8.89 16.13 -17.16
C ARG B 186 -8.36 15.37 -18.36
N PHE B 187 -9.17 14.47 -18.93
CA PHE B 187 -8.70 13.67 -20.06
C PHE B 187 -8.42 14.54 -21.27
N ALA B 188 -9.27 15.55 -21.48
CA ALA B 188 -9.07 16.48 -22.59
C ALA B 188 -7.73 17.22 -22.45
N LEU B 189 -7.43 17.66 -21.24
CA LEU B 189 -6.16 18.33 -20.98
C LEU B 189 -4.98 17.37 -21.01
N ALA B 190 -5.15 16.19 -20.43
CA ALA B 190 -4.05 15.24 -20.29
C ALA B 190 -3.64 14.52 -21.58
N SER B 191 -4.58 14.38 -22.52
CA SER B 191 -4.34 13.53 -23.70
C SER B 191 -3.71 14.28 -24.89
N THR B 192 -3.57 15.59 -24.79
CA THR B 192 -2.94 16.34 -25.89
C THR B 192 -1.47 15.91 -26.02
N PRO B 193 -0.92 15.95 -27.24
CA PRO B 193 0.48 15.58 -27.43
C PRO B 193 1.47 16.41 -26.61
N GLU B 194 1.19 17.69 -26.38
CA GLU B 194 2.12 18.50 -25.59
C GLU B 194 2.16 17.98 -24.14
N SER B 195 0.99 17.66 -23.59
CA SER B 195 0.92 17.13 -22.23
C SER B 195 1.49 15.71 -22.13
N LEU B 196 1.27 14.88 -23.14
CA LEU B 196 1.84 13.53 -23.13
C LEU B 196 3.37 13.53 -23.30
N THR B 197 3.91 14.50 -24.03
CA THR B 197 5.35 14.66 -24.10
C THR B 197 5.89 14.96 -22.71
N ALA B 198 5.18 15.81 -21.98
CA ALA B 198 5.61 16.24 -20.65
C ALA B 198 5.61 15.05 -19.68
N THR B 199 4.60 14.20 -19.81
CA THR B 199 4.52 12.96 -19.04
C THR B 199 5.71 12.03 -19.30
N ARG B 200 6.06 11.82 -20.56
CA ARG B 200 7.21 10.96 -20.88
C ARG B 200 8.51 11.55 -20.33
N ALA B 201 8.64 12.87 -20.39
CA ALA B 201 9.84 13.56 -19.94
C ALA B 201 10.07 13.29 -18.46
N MET B 202 8.98 13.29 -17.69
CA MET B 202 9.04 13.00 -16.27
C MET B 202 9.59 11.61 -15.99
N GLY B 203 9.13 10.63 -16.76
CA GLY B 203 9.54 9.25 -16.59
C GLY B 203 11.03 9.08 -16.78
N LYS B 204 11.55 9.64 -17.87
CA LYS B 204 12.97 9.57 -18.17
C LYS B 204 13.83 10.25 -17.10
N SER B 205 13.28 11.30 -16.49
CA SER B 205 14.02 12.09 -15.51
C SER B 205 14.39 11.26 -14.28
N PHE B 206 13.64 10.19 -14.05
CA PHE B 206 13.91 9.27 -12.95
C PHE B 206 15.22 8.50 -13.18
N ALA B 207 15.58 8.31 -14.43
CA ALA B 207 16.79 7.56 -14.79
C ALA B 207 18.04 8.44 -14.73
N GLY B 208 17.88 9.70 -14.33
CA GLY B 208 18.97 10.64 -14.35
C GLY B 208 20.03 10.36 -13.30
N ALA B 209 21.22 10.92 -13.51
CA ALA B 209 22.31 10.76 -12.55
C ALA B 209 22.08 11.67 -11.34
N ASP B 210 21.20 12.65 -11.49
CA ASP B 210 20.87 13.59 -10.44
C ASP B 210 19.66 13.14 -9.61
N PHE B 211 19.43 11.83 -9.58
CA PHE B 211 18.28 11.26 -8.88
C PHE B 211 18.30 11.59 -7.39
N GLU B 212 19.50 11.70 -6.84
CA GLU B 212 19.68 11.90 -5.40
C GLU B 212 19.07 13.22 -4.95
N ALA B 213 18.92 14.15 -5.88
CA ALA B 213 18.23 15.40 -5.62
C ALA B 213 16.75 15.17 -5.27
N GLY B 214 16.20 14.06 -5.78
CA GLY B 214 14.85 13.67 -5.48
C GLY B 214 14.61 13.20 -4.05
N MET B 215 15.65 12.64 -3.45
CA MET B 215 15.53 12.00 -2.13
C MET B 215 15.69 13.04 -1.01
N MET B 216 14.74 13.96 -0.95
CA MET B 216 14.83 15.12 -0.08
C MET B 216 14.77 14.77 1.42
N TRP B 217 14.20 13.61 1.74
CA TRP B 217 14.18 13.14 3.12
C TRP B 217 15.57 13.09 3.75
N ARG B 218 16.59 12.98 2.90
CA ARG B 218 17.98 13.00 3.36
C ARG B 218 18.47 14.38 3.81
N GLU B 219 17.74 15.44 3.46
CA GLU B 219 18.29 16.78 3.58
C GLU B 219 17.46 17.74 4.42
N VAL B 220 16.18 17.44 4.61
CA VAL B 220 15.26 18.41 5.21
C VAL B 220 15.55 18.69 6.68
N TYR B 221 16.43 17.90 7.29
CA TYR B 221 16.89 18.21 8.64
C TYR B 221 17.58 19.57 8.65
N ARG B 222 18.00 20.03 7.47
CA ARG B 222 18.65 21.32 7.30
C ARG B 222 17.66 22.49 7.30
N LEU B 223 16.37 22.19 7.22
CA LEU B 223 15.34 23.24 7.19
C LEU B 223 15.16 23.91 8.55
N ARG B 224 15.19 25.24 8.59
CA ARG B 224 15.06 25.98 9.84
C ARG B 224 13.67 26.59 10.07
N GLN B 225 12.84 26.63 9.04
CA GLN B 225 11.52 27.25 9.17
C GLN B 225 10.48 26.28 9.72
N PRO B 226 9.34 26.82 10.20
CA PRO B 226 8.22 25.94 10.52
C PRO B 226 7.71 25.24 9.27
N VAL B 227 7.33 23.97 9.41
CA VAL B 227 6.79 23.19 8.30
C VAL B 227 5.53 22.48 8.76
N LEU B 228 4.42 22.72 8.06
CA LEU B 228 3.18 22.01 8.36
C LEU B 228 2.97 20.89 7.34
N LEU B 229 3.08 19.66 7.80
CA LEU B 229 2.74 18.49 6.99
C LEU B 229 1.25 18.18 7.13
N ILE B 230 0.57 17.99 6.01
CA ILE B 230 -0.83 17.60 6.06
C ILE B 230 -1.01 16.33 5.24
N TRP B 231 -1.69 15.35 5.82
CA TRP B 231 -1.85 14.06 5.16
C TRP B 231 -3.28 13.54 5.23
N GLY B 232 -3.67 12.81 4.19
CA GLY B 232 -4.89 12.03 4.22
C GLY B 232 -4.54 10.64 4.68
N ARG B 233 -5.26 10.13 5.67
CA ARG B 233 -4.98 8.81 6.22
C ARG B 233 -5.06 7.73 5.14
N GLU B 234 -5.98 7.90 4.19
CA GLU B 234 -6.19 6.92 3.12
C GLU B 234 -5.46 7.29 1.83
N ASP B 235 -4.41 8.09 1.94
CA ASP B 235 -3.60 8.46 0.78
C ASP B 235 -2.94 7.20 0.23
N ARG B 236 -3.27 6.84 -1.01
CA ARG B 236 -2.77 5.62 -1.63
C ARG B 236 -1.67 5.92 -2.66
N VAL B 237 -1.25 7.18 -2.72
CA VAL B 237 -0.17 7.61 -3.60
C VAL B 237 1.10 7.79 -2.78
N ASN B 238 1.00 8.68 -1.81
CA ASN B 238 2.05 8.88 -0.82
C ASN B 238 1.45 8.56 0.54
N PRO B 239 1.49 7.28 0.94
CA PRO B 239 0.76 6.92 2.15
C PRO B 239 1.38 7.51 3.41
N LEU B 240 0.64 7.42 4.51
CA LEU B 240 0.95 8.16 5.73
C LEU B 240 2.32 7.85 6.32
N ASP B 241 2.82 6.63 6.13
CA ASP B 241 4.12 6.26 6.67
C ASP B 241 5.26 7.05 6.03
N GLY B 242 4.95 7.76 4.94
CA GLY B 242 5.95 8.56 4.27
C GLY B 242 6.26 9.86 4.97
N ALA B 243 5.46 10.21 5.97
CA ALA B 243 5.61 11.47 6.70
C ALA B 243 6.65 11.40 7.83
N LEU B 244 7.01 10.18 8.23
CA LEU B 244 7.70 9.99 9.51
C LEU B 244 9.12 10.52 9.55
N VAL B 245 9.92 10.30 8.51
CA VAL B 245 11.30 10.80 8.50
C VAL B 245 11.31 12.33 8.56
N ALA B 246 10.43 12.96 7.79
CA ALA B 246 10.36 14.41 7.75
C ALA B 246 9.89 14.96 9.09
N LEU B 247 8.85 14.35 9.65
CA LEU B 247 8.32 14.77 10.95
C LEU B 247 9.41 14.71 12.03
N LYS B 248 10.23 13.67 11.96
CA LYS B 248 11.28 13.48 12.94
C LYS B 248 12.43 14.49 12.79
N THR B 249 12.86 14.73 11.56
CA THR B 249 14.13 15.40 11.31
C THR B 249 14.02 16.90 11.10
N ILE B 250 12.84 17.39 10.72
CA ILE B 250 12.61 18.83 10.60
C ILE B 250 12.34 19.41 11.98
N PRO B 251 13.25 20.26 12.50
CA PRO B 251 13.15 20.70 13.90
C PRO B 251 11.84 21.35 14.30
N ARG B 252 11.27 22.20 13.45
CA ARG B 252 10.04 22.92 13.77
C ARG B 252 8.83 22.40 12.98
N ALA B 253 8.77 21.09 12.82
CA ALA B 253 7.67 20.45 12.08
C ALA B 253 6.36 20.33 12.85
N GLN B 254 5.25 20.31 12.09
CA GLN B 254 3.96 19.86 12.61
C GLN B 254 3.37 18.89 11.61
N LEU B 255 2.47 18.03 12.06
CA LEU B 255 1.77 17.11 11.18
C LEU B 255 0.29 17.11 11.49
N HIS B 256 -0.55 17.23 10.46
CA HIS B 256 -1.98 17.03 10.63
C HIS B 256 -2.47 15.92 9.70
N VAL B 257 -3.21 14.97 10.26
CA VAL B 257 -3.72 13.84 9.51
C VAL B 257 -5.25 13.83 9.52
N PHE B 258 -5.85 13.72 8.35
CA PHE B 258 -7.30 13.60 8.22
C PHE B 258 -7.69 12.16 7.96
N GLY B 259 -8.56 11.61 8.80
CA GLY B 259 -9.17 10.33 8.53
C GLY B 259 -10.22 10.52 7.45
N GLN B 260 -10.50 9.48 6.68
CA GLN B 260 -11.48 9.55 5.61
C GLN B 260 -11.11 10.65 4.62
N CYS B 261 -9.84 10.62 4.21
CA CYS B 261 -9.29 11.58 3.27
C CYS B 261 -8.15 10.93 2.49
N GLY B 262 -8.13 11.16 1.18
CA GLY B 262 -7.10 10.62 0.31
C GLY B 262 -5.93 11.55 0.03
N HIS B 263 -5.38 11.43 -1.16
CA HIS B 263 -4.21 12.17 -1.57
C HIS B 263 -4.51 13.65 -1.87
N TRP B 264 -5.75 13.93 -2.27
CA TRP B 264 -6.16 15.30 -2.60
C TRP B 264 -6.68 16.05 -1.38
N VAL B 265 -5.83 16.26 -0.39
CA VAL B 265 -6.24 16.87 0.87
C VAL B 265 -6.98 18.19 0.65
N GLN B 266 -6.46 19.02 -0.25
CA GLN B 266 -6.96 20.37 -0.43
C GLN B 266 -8.36 20.42 -1.03
N VAL B 267 -8.79 19.31 -1.60
CA VAL B 267 -10.14 19.20 -2.17
C VAL B 267 -11.09 18.52 -1.20
N GLU B 268 -10.68 17.34 -0.73
CA GLU B 268 -11.54 16.49 0.11
C GLU B 268 -11.85 17.11 1.46
N LYS B 269 -10.87 17.81 2.03
CA LYS B 269 -11.03 18.47 3.33
C LYS B 269 -10.70 19.94 3.16
N PHE B 270 -11.33 20.56 2.16
CA PHE B 270 -10.95 21.90 1.70
C PHE B 270 -11.16 22.95 2.78
N ASP B 271 -12.26 22.88 3.53
CA ASP B 271 -12.49 23.85 4.60
C ASP B 271 -11.45 23.71 5.71
N GLU B 272 -11.26 22.47 6.17
CA GLU B 272 -10.32 22.20 7.24
C GLU B 272 -8.91 22.57 6.81
N PHE B 273 -8.59 22.33 5.54
CA PHE B 273 -7.30 22.68 4.99
C PHE B 273 -7.06 24.19 4.96
N ASN B 274 -8.08 24.94 4.52
CA ASN B 274 -7.96 26.38 4.37
C ASN B 274 -7.66 27.09 5.68
N LYS B 275 -8.47 26.77 6.70
CA LYS B 275 -8.36 27.41 8.00
C LYS B 275 -7.02 27.08 8.65
N LEU B 276 -6.58 25.83 8.50
CA LEU B 276 -5.29 25.39 9.00
C LEU B 276 -4.15 26.18 8.36
N THR B 277 -4.25 26.38 7.04
CA THR B 277 -3.23 27.09 6.29
C THR B 277 -3.20 28.56 6.70
N ILE B 278 -4.38 29.15 6.82
CA ILE B 278 -4.49 30.56 7.16
C ILE B 278 -3.89 30.80 8.54
N GLU B 279 -4.24 29.96 9.49
CA GLU B 279 -3.74 30.09 10.85
C GLU B 279 -2.23 29.88 10.89
N PHE B 280 -1.75 28.84 10.21
CA PHE B 280 -0.33 28.51 10.23
C PHE B 280 0.54 29.59 9.58
N LEU B 281 -0.01 30.27 8.58
CA LEU B 281 0.73 31.31 7.86
C LEU B 281 0.56 32.71 8.46
N GLY B 282 -0.16 32.80 9.58
CA GLY B 282 -0.18 34.01 10.39
C GLY B 282 -1.53 34.71 10.39
N GLY B 283 -2.51 34.15 9.68
CA GLY B 283 -3.85 34.68 9.69
C GLY B 283 -4.02 35.86 8.76
N GLY B 284 -2.89 36.40 8.27
CA GLY B 284 -2.88 37.53 7.36
C GLY B 284 -3.93 38.59 7.62
C01 6OR C . -3.92 -13.81 -0.57
C02 6OR C . -3.82 -14.98 0.17
C03 6OR C . -4.70 -15.20 1.22
C04 6OR C . -5.67 -14.26 1.52
C05 6OR C . -5.77 -13.09 0.78
C06 6OR C . -4.89 -12.87 -0.26
CL7 6OR C . -5.02 -11.40 -1.17
O08 6OR C . -6.72 -12.15 1.08
CL9 6OR C . -6.77 -14.53 2.82
S10 6OR C . -2.57 -16.17 -0.23
O11 6OR C . -3.16 -17.48 -0.71
O12 6OR C . -1.79 -15.75 -1.45
O13 6OR C . -1.65 -16.38 0.96
H011 6OR C . -3.30 -13.65 -1.30
H031 6OR C . -4.64 -16.01 1.73
H081 6OR C . -6.50 -11.71 1.82
C01 6OR D . 1.04 13.69 -8.21
C02 6OR D . -0.29 13.28 -8.12
C03 6OR D . -0.59 11.93 -8.22
C04 6OR D . 0.42 11.00 -8.40
C05 6OR D . 1.73 11.42 -8.50
C06 6OR D . 2.04 12.76 -8.41
CL7 6OR D . 3.68 13.27 -8.53
O08 6OR D . 2.74 10.50 -8.69
CL9 6OR D . 0.07 9.30 -8.53
S10 6OR D . -1.58 14.47 -7.88
O11 6OR D . -2.85 13.81 -7.37
O12 6OR D . -1.28 15.39 -6.71
O13 6OR D . -1.85 15.25 -9.14
H011 6OR D . 1.24 14.64 -8.15
H031 6OR D . -1.51 11.64 -8.14
H081 6OR D . 3.16 10.37 -7.92
#